data_1WL5
#
_entry.id   1WL5
#
_cell.length_a   57.850
_cell.length_b   109.880
_cell.length_c   155.640
_cell.angle_alpha   90.00
_cell.angle_beta   90.00
_cell.angle_gamma   90.00
#
_symmetry.space_group_name_H-M   'I 2 2 2'
#
loop_
_entity.id
_entity.type
_entity.pdbx_description
1 polymer 'acetyl-Coenzyme A acetyltransferase 2'
2 non-polymer 'SULFATE ION'
3 non-polymer GLYCEROL
4 water water
#
_entity_poly.entity_id   1
_entity_poly.type   'polypeptide(L)'
_entity_poly.pdbx_seq_one_letter_code
;MNAGSDPVVIVSAARTIIGSFNGALAAVPVQDLGSTVIKEVLKRATVAPEDVSEVIFGHVLAAGCGQNPVRQASVGAGIP
YSVPAWSCQMI(CSO)GSGLKAVCLAVQSIGIGDSSIVVAGGMENMSKAPHLAYLRTGVKIGEMPLTDSILCDGLTDAFH
NCHMGITAENVAKKWQVSREDQDKVAVLSQNRTENAQKAGHFDKEIVPVLVSTRKGLIEVKTDEFPRHGSNIEAMSKLKP
YFLTDGTGTVTPANASGINDGAAAVVLMKKSEADKRGLTPLARIVSWSQVGVEPSIMGIGPIPAIKQAVTKAGWSLEDVD
IFEINEAFAAVSAAIVKELGLNPEKVNIEGGAIALGHPLGASGCRILVTLLHTLERMGRSRGVAALCIGGGMGIAMCVQR
E
;
_entity_poly.pdbx_strand_id   A
#
# COMPACT_ATOMS: atom_id res chain seq x y z
N GLY A 4 24.91 1.51 -2.77
CA GLY A 4 26.22 0.82 -3.02
C GLY A 4 27.37 1.46 -2.25
N SER A 5 27.93 0.70 -1.30
CA SER A 5 28.90 1.19 -0.30
C SER A 5 28.26 2.20 0.65
N ASP A 6 27.59 3.20 0.08
CA ASP A 6 26.81 4.15 0.85
C ASP A 6 25.35 4.06 0.40
N PRO A 7 24.71 2.95 0.75
CA PRO A 7 23.34 2.73 0.35
C PRO A 7 22.36 3.66 1.04
N VAL A 8 21.21 3.81 0.42
CA VAL A 8 20.08 4.49 1.00
C VAL A 8 19.45 3.63 2.07
N VAL A 9 19.17 4.24 3.21
CA VAL A 9 18.58 3.52 4.30
C VAL A 9 17.24 4.13 4.73
N ILE A 10 16.39 3.27 5.29
CA ILE A 10 15.18 3.72 5.93
C ILE A 10 15.39 3.77 7.44
N VAL A 11 15.30 4.99 8.00
CA VAL A 11 15.44 5.24 9.44
C VAL A 11 14.16 5.07 10.27
N SER A 12 13.02 5.42 9.69
CA SER A 12 11.75 5.38 10.37
C SER A 12 10.61 5.03 9.42
N ALA A 13 9.50 4.52 9.97
CA ALA A 13 8.41 4.00 9.17
C ALA A 13 7.20 3.89 10.05
N ALA A 14 6.09 4.46 9.57
CA ALA A 14 4.87 4.52 10.35
C ALA A 14 3.66 4.61 9.45
N ARG A 15 2.53 4.20 9.98
CA ARG A 15 1.31 4.22 9.24
C ARG A 15 0.16 4.60 10.13
N THR A 16 -0.90 5.12 9.53
CA THR A 16 -2.15 5.19 10.25
C THR A 16 -2.75 3.79 10.25
N ILE A 17 -3.73 3.56 11.11
CA ILE A 17 -4.66 2.47 10.86
C ILE A 17 -5.27 2.62 9.47
N ILE A 18 -5.79 1.49 8.97
CA ILE A 18 -6.54 1.47 7.74
C ILE A 18 -8.04 1.49 8.10
N GLY A 19 -8.75 2.51 7.62
CA GLY A 19 -10.17 2.68 7.92
C GLY A 19 -11.01 1.99 6.90
N SER A 20 -12.22 1.59 7.32
CA SER A 20 -13.18 0.96 6.45
C SER A 20 -13.83 2.05 5.62
N PHE A 21 -14.36 1.69 4.46
CA PHE A 21 -15.10 2.61 3.60
C PHE A 21 -16.14 3.33 4.43
N ASN A 22 -16.13 4.65 4.41
CA ASN A 22 -17.11 5.44 5.11
C ASN A 22 -17.05 5.19 6.61
N GLY A 23 -15.88 4.74 7.09
CA GLY A 23 -15.70 4.38 8.49
C GLY A 23 -14.92 5.36 9.30
N ALA A 24 -14.00 4.86 10.13
CA ALA A 24 -13.36 5.66 11.20
C ALA A 24 -12.53 6.88 10.77
N LEU A 25 -12.07 6.88 9.52
CA LEU A 25 -11.18 7.92 8.98
C LEU A 25 -11.82 8.71 7.87
N ALA A 26 -13.08 8.41 7.53
CA ALA A 26 -13.74 9.04 6.39
C ALA A 26 -13.87 10.55 6.51
N ALA A 27 -13.94 11.10 7.72
CA ALA A 27 -14.12 12.55 7.87
C ALA A 27 -12.77 13.28 7.85
N VAL A 28 -11.68 12.53 7.73
CA VAL A 28 -10.33 13.11 7.82
C VAL A 28 -9.77 13.32 6.43
N PRO A 29 -9.51 14.55 6.04
CA PRO A 29 -9.02 14.75 4.69
C PRO A 29 -7.70 13.99 4.47
N VAL A 30 -7.50 13.54 3.26
CA VAL A 30 -6.33 12.72 2.94
C VAL A 30 -5.00 13.40 3.36
N GLN A 31 -4.91 14.71 3.24
CA GLN A 31 -3.69 15.43 3.56
C GLN A 31 -3.42 15.49 5.05
N ASP A 32 -4.47 15.31 5.87
CA ASP A 32 -4.30 15.25 7.31
C ASP A 32 -3.79 13.86 7.70
N LEU A 33 -4.20 12.85 6.95
CA LEU A 33 -3.61 11.53 7.10
C LEU A 33 -2.12 11.61 6.77
N GLY A 34 -1.80 12.21 5.63
CA GLY A 34 -0.40 12.47 5.25
C GLY A 34 0.38 13.22 6.32
N SER A 35 -0.18 14.33 6.81
CA SER A 35 0.53 15.11 7.84
C SER A 35 0.82 14.25 9.05
N THR A 36 -0.15 13.45 9.45
CA THR A 36 0.00 12.62 10.63
C THR A 36 1.22 11.72 10.52
N VAL A 37 1.31 10.96 9.44
CA VAL A 37 2.45 10.05 9.26
C VAL A 37 3.75 10.81 8.98
N ILE A 38 3.68 11.92 8.29
CA ILE A 38 4.91 12.69 7.99
C ILE A 38 5.54 13.19 9.32
N LYS A 39 4.71 13.84 10.13
CA LYS A 39 5.16 14.41 11.39
C LYS A 39 5.72 13.33 12.27
N GLU A 40 4.99 12.22 12.33
CA GLU A 40 5.39 11.12 13.17
C GLU A 40 6.72 10.48 12.79
N VAL A 41 6.99 10.25 11.50
CA VAL A 41 8.27 9.62 11.10
C VAL A 41 9.46 10.53 11.35
N LEU A 42 9.25 11.81 11.20
CA LEU A 42 10.28 12.77 11.56
C LEU A 42 10.57 12.73 13.07
N LYS A 43 9.52 12.75 13.85
CA LYS A 43 9.60 12.58 15.29
C LYS A 43 10.41 11.34 15.65
N ARG A 44 10.04 10.20 15.08
CA ARG A 44 10.68 8.94 15.39
C ARG A 44 12.15 8.86 14.94
N ALA A 45 12.46 9.47 13.81
CA ALA A 45 13.83 9.48 13.29
C ALA A 45 14.72 10.50 14.01
N THR A 46 14.07 11.36 14.82
CA THR A 46 14.63 12.59 15.41
C THR A 46 15.25 13.50 14.37
N VAL A 47 14.51 13.80 13.32
CA VAL A 47 14.98 14.63 12.27
C VAL A 47 14.08 15.86 12.27
N ALA A 48 14.72 17.02 12.29
CA ALA A 48 13.97 18.27 12.33
C ALA A 48 13.32 18.47 10.96
N PRO A 49 12.09 18.97 10.94
CA PRO A 49 11.38 19.14 9.67
C PRO A 49 12.09 20.04 8.68
N GLU A 50 12.81 21.03 9.19
CA GLU A 50 13.55 21.91 8.29
C GLU A 50 14.78 21.22 7.62
N ASP A 51 15.11 20.00 8.02
CA ASP A 51 16.24 19.28 7.39
C ASP A 51 15.80 18.36 6.23
N VAL A 52 14.50 18.34 5.94
CA VAL A 52 13.98 17.48 4.88
C VAL A 52 14.25 18.14 3.56
N SER A 53 14.83 17.40 2.61
CA SER A 53 15.11 17.92 1.26
C SER A 53 13.86 18.00 0.41
N GLU A 54 12.96 17.03 0.55
CA GLU A 54 11.76 16.98 -0.22
C GLU A 54 10.83 15.89 0.32
N VAL A 55 9.57 16.00 -0.06
CA VAL A 55 8.53 15.06 0.29
C VAL A 55 7.92 14.46 -0.97
N ILE A 56 7.82 13.13 -1.03
CA ILE A 56 7.25 12.48 -2.21
C ILE A 56 6.24 11.50 -1.76
N PHE A 57 4.99 11.65 -2.22
CA PHE A 57 3.91 10.72 -1.81
C PHE A 57 3.17 10.17 -2.99
N GLY A 58 2.85 8.89 -2.95
CA GLY A 58 1.85 8.33 -3.85
C GLY A 58 0.45 8.76 -3.44
N HIS A 59 -0.37 9.03 -4.45
CA HIS A 59 -1.74 9.51 -4.24
C HIS A 59 -2.49 9.34 -5.56
N VAL A 60 -3.54 8.53 -5.55
CA VAL A 60 -4.25 8.16 -6.77
C VAL A 60 -5.52 9.00 -7.03
N LEU A 61 -6.40 9.11 -6.04
CA LEU A 61 -7.72 9.69 -6.24
C LEU A 61 -7.69 11.06 -5.62
N ALA A 62 -7.22 12.04 -6.39
CA ALA A 62 -6.89 13.36 -5.82
C ALA A 62 -7.98 14.44 -6.10
N ALA A 63 -9.01 14.05 -6.84
CA ALA A 63 -10.11 14.93 -7.15
C ALA A 63 -10.74 15.47 -5.89
N GLY A 64 -10.86 16.80 -5.85
CA GLY A 64 -11.50 17.49 -4.74
C GLY A 64 -10.58 17.72 -3.58
N CYS A 65 -9.31 17.29 -3.68
CA CYS A 65 -8.41 17.40 -2.54
C CYS A 65 -7.68 18.75 -2.48
N GLY A 66 -7.90 19.59 -3.50
CA GLY A 66 -7.26 20.90 -3.56
C GLY A 66 -5.92 20.82 -4.27
N GLN A 67 -5.25 21.96 -4.34
CA GLN A 67 -3.97 22.06 -5.01
C GLN A 67 -2.92 21.23 -4.30
N ASN A 68 -2.27 20.34 -5.04
CA ASN A 68 -1.11 19.54 -4.54
C ASN A 68 -1.20 19.14 -3.06
N PRO A 69 -2.08 18.20 -2.79
CA PRO A 69 -2.33 17.69 -1.45
C PRO A 69 -1.09 17.15 -0.71
N VAL A 70 -0.02 16.77 -1.43
CA VAL A 70 1.21 16.37 -0.72
C VAL A 70 1.87 17.56 -0.03
N ARG A 71 1.82 18.68 -0.71
CA ARG A 71 2.39 19.92 -0.21
C ARG A 71 1.60 20.37 1.00
N GLN A 72 0.28 20.23 0.94
CA GLN A 72 -0.60 20.50 2.08
C GLN A 72 -0.25 19.58 3.23
N ALA A 73 -0.10 18.29 2.94
CA ALA A 73 0.27 17.32 3.95
C ALA A 73 1.62 17.65 4.57
N SER A 74 2.60 17.94 3.73
CA SER A 74 3.95 18.36 4.19
C SER A 74 3.93 19.52 5.15
N VAL A 75 3.23 20.59 4.77
CA VAL A 75 3.18 21.81 5.58
C VAL A 75 2.36 21.57 6.85
N GLY A 76 1.32 20.77 6.75
CA GLY A 76 0.52 20.46 7.92
C GLY A 76 1.30 19.65 8.96
N ALA A 77 2.36 18.99 8.54
CA ALA A 77 3.26 18.28 9.44
C ALA A 77 4.34 19.17 10.06
N GLY A 78 4.39 20.46 9.70
CA GLY A 78 5.38 21.38 10.23
C GLY A 78 6.65 21.48 9.41
N ILE A 79 6.65 20.88 8.22
CA ILE A 79 7.73 21.06 7.26
C ILE A 79 7.62 22.46 6.63
N PRO A 80 8.71 23.22 6.57
CA PRO A 80 8.64 24.55 6.00
C PRO A 80 8.18 24.62 4.54
N TYR A 81 7.73 25.82 4.17
CA TYR A 81 7.40 26.19 2.80
C TYR A 81 8.56 26.08 1.83
N SER A 82 9.77 26.19 2.35
CA SER A 82 10.99 26.05 1.56
C SER A 82 11.22 24.60 1.03
N VAL A 83 10.51 23.61 1.59
CA VAL A 83 10.74 22.21 1.21
C VAL A 83 9.75 21.75 0.12
N PRO A 84 10.28 21.46 -1.07
CA PRO A 84 9.42 21.00 -2.18
C PRO A 84 8.71 19.70 -1.81
N ALA A 85 7.49 19.57 -2.31
CA ALA A 85 6.64 18.44 -1.98
C ALA A 85 5.75 18.16 -3.17
N TRP A 86 5.64 16.88 -3.54
CA TRP A 86 4.92 16.52 -4.76
C TRP A 86 4.49 15.04 -4.77
N SER A 87 3.64 14.71 -5.74
CA SER A 87 3.00 13.42 -5.76
C SER A 87 3.27 12.65 -7.02
N CYS A 88 3.19 11.33 -6.89
CA CYS A 88 3.29 10.47 -8.03
C CYS A 88 2.11 9.52 -8.03
N GLN A 89 1.76 9.08 -9.22
CA GLN A 89 0.65 8.18 -9.38
C GLN A 89 1.14 7.06 -10.27
N MET A 90 1.01 5.85 -9.73
CA MET A 90 1.20 4.59 -10.41
C MET A 90 0.24 3.56 -9.79
N ILE A 91 -1.06 3.86 -9.91
CA ILE A 91 -2.20 3.22 -9.19
C ILE A 91 -1.81 2.54 -7.90
N GLY A 93 0.72 0.75 -7.05
CA GLY A 93 2.12 0.86 -6.71
C GLY A 93 2.60 2.21 -6.23
N SER A 94 1.72 3.22 -6.30
CA SER A 94 2.04 4.62 -6.04
C SER A 94 2.82 4.87 -4.75
N GLY A 95 2.41 4.25 -3.65
CA GLY A 95 3.11 4.44 -2.36
C GLY A 95 4.53 3.88 -2.29
N LEU A 96 4.77 2.80 -3.04
CA LEU A 96 6.09 2.20 -3.12
C LEU A 96 6.94 2.94 -4.14
N LYS A 97 6.33 3.34 -5.26
CA LYS A 97 7.01 4.14 -6.25
C LYS A 97 7.58 5.44 -5.61
N ALA A 98 6.84 6.03 -4.71
CA ALA A 98 7.29 7.25 -3.99
C ALA A 98 8.66 7.03 -3.33
N VAL A 99 8.79 5.88 -2.68
CA VAL A 99 10.02 5.48 -1.98
C VAL A 99 11.18 5.20 -2.94
N CYS A 100 10.90 4.49 -4.04
CA CYS A 100 11.89 4.25 -5.10
C CYS A 100 12.43 5.54 -5.67
N LEU A 101 11.52 6.48 -5.90
CA LEU A 101 11.87 7.80 -6.40
C LEU A 101 12.79 8.57 -5.46
N ALA A 102 12.51 8.49 -4.16
CA ALA A 102 13.41 8.99 -3.10
C ALA A 102 14.78 8.34 -3.13
N VAL A 103 14.80 7.02 -3.28
CA VAL A 103 16.04 6.29 -3.45
C VAL A 103 16.85 6.91 -4.59
N GLN A 104 16.17 7.25 -5.70
CA GLN A 104 16.84 7.83 -6.85
C GLN A 104 17.34 9.25 -6.55
N SER A 105 16.52 10.10 -5.93
CA SER A 105 17.03 11.46 -5.67
C SER A 105 18.14 11.46 -4.65
N ILE A 106 18.11 10.54 -3.72
CA ILE A 106 19.20 10.47 -2.73
C ILE A 106 20.45 9.81 -3.32
N GLY A 107 20.27 8.72 -4.04
CA GLY A 107 21.35 8.04 -4.72
C GLY A 107 22.13 8.94 -5.67
N ILE A 108 21.47 9.83 -6.40
CA ILE A 108 22.12 10.64 -7.37
C ILE A 108 22.69 11.92 -6.77
N GLY A 109 22.36 12.18 -5.52
CA GLY A 109 22.95 13.27 -4.81
C GLY A 109 22.13 14.52 -4.86
N ASP A 110 20.88 14.46 -5.29
CA ASP A 110 19.99 15.63 -5.34
C ASP A 110 19.27 15.92 -4.00
N SER A 111 18.90 14.86 -3.28
CA SER A 111 18.33 15.00 -1.97
C SER A 111 19.20 14.30 -0.93
N SER A 112 19.19 14.87 0.26
CA SER A 112 19.89 14.36 1.42
C SER A 112 18.90 13.57 2.34
N ILE A 113 17.73 14.14 2.61
CA ILE A 113 16.73 13.46 3.41
C ILE A 113 15.38 13.61 2.73
N VAL A 114 14.64 12.51 2.67
CA VAL A 114 13.36 12.50 2.01
C VAL A 114 12.35 11.76 2.86
N VAL A 115 11.17 12.34 2.93
CA VAL A 115 10.04 11.68 3.51
C VAL A 115 9.24 11.23 2.31
N ALA A 116 9.18 9.92 2.17
CA ALA A 116 8.39 9.29 1.15
C ALA A 116 7.20 8.51 1.76
N GLY A 117 6.16 8.30 0.97
CA GLY A 117 4.98 7.65 1.46
C GLY A 117 3.84 7.57 0.47
N GLY A 118 2.67 7.25 0.99
CA GLY A 118 1.46 7.18 0.21
C GLY A 118 0.27 7.52 1.11
N MET A 119 -0.83 7.92 0.49
CA MET A 119 -1.99 8.40 1.18
C MET A 119 -3.23 8.31 0.31
N GLU A 120 -4.36 7.98 0.94
CA GLU A 120 -5.62 7.86 0.23
C GLU A 120 -6.80 7.92 1.19
N ASN A 121 -7.76 8.79 0.89
CA ASN A 121 -9.07 8.72 1.48
C ASN A 121 -10.08 8.46 0.37
N MET A 122 -10.36 7.17 0.17
CA MET A 122 -11.33 6.74 -0.81
C MET A 122 -12.80 7.06 -0.39
N SER A 123 -13.07 7.07 0.90
CA SER A 123 -14.39 7.49 1.40
C SER A 123 -14.73 8.88 0.85
N LYS A 124 -13.72 9.74 0.70
CA LYS A 124 -13.95 11.11 0.28
C LYS A 124 -13.87 11.29 -1.23
N ALA A 125 -13.63 10.23 -2.00
CA ALA A 125 -13.55 10.37 -3.44
C ALA A 125 -14.96 10.80 -3.95
N PRO A 126 -15.03 11.84 -4.77
CA PRO A 126 -16.31 12.34 -5.27
C PRO A 126 -16.84 11.57 -6.47
N HIS A 127 -18.10 11.86 -6.81
CA HIS A 127 -18.65 11.55 -8.13
C HIS A 127 -18.42 12.71 -9.08
N LEU A 128 -18.40 12.38 -10.36
CA LEU A 128 -17.97 13.29 -11.41
C LEU A 128 -19.07 13.56 -12.48
N ALA A 129 -19.20 14.81 -12.87
CA ALA A 129 -20.10 15.21 -13.96
C ALA A 129 -19.41 16.19 -14.90
N TYR A 130 -19.51 15.94 -16.20
CA TYR A 130 -19.00 16.89 -17.18
C TYR A 130 -20.12 17.85 -17.57
N LEU A 131 -20.00 19.10 -17.14
CA LEU A 131 -21.07 20.08 -17.27
C LEU A 131 -20.75 21.30 -18.13
N ARG A 132 -19.53 21.39 -18.67
CA ARG A 132 -19.08 22.59 -19.37
C ARG A 132 -19.74 22.81 -20.72
N THR A 133 -19.91 21.76 -21.50
CA THR A 133 -20.58 21.89 -22.78
C THR A 133 -22.03 22.32 -22.56
N GLY A 134 -22.76 21.51 -21.80
CA GLY A 134 -24.16 21.77 -21.58
C GLY A 134 -24.92 20.73 -22.35
N VAL A 135 -25.78 20.00 -21.63
CA VAL A 135 -26.57 18.95 -22.23
C VAL A 135 -27.96 19.51 -22.57
N LYS A 136 -28.18 19.76 -23.85
CA LYS A 136 -29.46 20.24 -24.34
C LYS A 136 -30.67 19.36 -23.88
N ILE A 137 -30.57 18.05 -24.07
CA ILE A 137 -31.63 17.14 -23.69
C ILE A 137 -31.07 15.73 -23.48
N GLY A 138 -31.33 15.17 -22.32
CA GLY A 138 -30.98 13.79 -22.06
C GLY A 138 -30.32 13.62 -20.71
N GLU A 139 -30.21 12.37 -20.32
CA GLU A 139 -29.65 11.99 -19.05
C GLU A 139 -28.14 12.18 -19.10
N MET A 140 -27.55 12.50 -17.95
CA MET A 140 -26.12 12.58 -17.81
C MET A 140 -25.62 11.79 -16.59
N PRO A 141 -24.51 11.06 -16.69
CA PRO A 141 -24.02 10.29 -15.53
C PRO A 141 -23.31 11.12 -14.48
N LEU A 142 -23.50 10.73 -13.23
CA LEU A 142 -22.61 11.12 -12.15
C LEU A 142 -21.74 9.90 -11.93
N THR A 143 -20.53 9.97 -12.48
CA THR A 143 -19.62 8.84 -12.50
C THR A 143 -18.86 8.77 -11.16
N ASP A 144 -18.67 7.55 -10.65
CA ASP A 144 -17.91 7.32 -9.42
C ASP A 144 -16.41 7.34 -9.73
N SER A 145 -15.70 8.34 -9.22
CA SER A 145 -14.26 8.43 -9.50
C SER A 145 -13.48 7.21 -9.03
N ILE A 146 -13.93 6.58 -7.94
CA ILE A 146 -13.28 5.34 -7.46
C ILE A 146 -13.29 4.28 -8.54
N LEU A 147 -14.46 4.03 -9.10
CA LEU A 147 -14.64 3.03 -10.16
C LEU A 147 -13.93 3.42 -11.44
N CYS A 148 -14.21 4.63 -11.86
CA CYS A 148 -13.70 5.19 -13.07
C CYS A 148 -12.15 5.29 -13.15
N ASP A 149 -11.56 5.88 -12.12
CA ASP A 149 -10.13 6.23 -12.10
C ASP A 149 -9.29 5.25 -11.26
N GLY A 150 -9.94 4.57 -10.31
CA GLY A 150 -9.27 3.66 -9.44
C GLY A 150 -9.33 2.21 -9.83
N LEU A 151 -10.52 1.71 -10.21
CA LEU A 151 -10.77 0.27 -10.24
C LEU A 151 -11.10 -0.32 -11.58
N THR A 152 -11.18 0.50 -12.61
CA THR A 152 -11.54 0.04 -13.94
C THR A 152 -10.36 0.05 -14.90
N ASP A 153 -10.02 -1.13 -15.42
CA ASP A 153 -9.00 -1.24 -16.45
C ASP A 153 -9.41 -0.41 -17.63
N ALA A 154 -8.51 0.48 -18.03
CA ALA A 154 -8.77 1.34 -19.17
C ALA A 154 -8.68 0.61 -20.50
N PHE A 155 -8.01 -0.52 -20.58
CA PHE A 155 -7.81 -1.20 -21.87
C PHE A 155 -8.95 -2.14 -22.24
N HIS A 156 -9.50 -2.79 -21.23
CA HIS A 156 -10.58 -3.76 -21.39
C HIS A 156 -11.88 -3.29 -20.80
N ASN A 157 -11.90 -2.11 -20.21
CA ASN A 157 -13.10 -1.59 -19.57
C ASN A 157 -13.76 -2.61 -18.64
N CYS A 158 -12.96 -3.17 -17.74
CA CYS A 158 -13.48 -4.09 -16.77
C CYS A 158 -12.83 -3.84 -15.40
N HIS A 159 -13.58 -4.18 -14.36
CA HIS A 159 -13.15 -4.05 -12.98
C HIS A 159 -11.88 -4.88 -12.77
N MET A 160 -11.02 -4.41 -11.87
CA MET A 160 -9.85 -5.20 -11.44
C MET A 160 -10.27 -6.65 -11.06
N GLY A 161 -11.43 -6.79 -10.43
CA GLY A 161 -11.97 -8.08 -10.03
C GLY A 161 -12.18 -9.02 -11.20
N ILE A 162 -12.48 -8.46 -12.38
CA ILE A 162 -12.52 -9.29 -13.60
C ILE A 162 -11.14 -9.78 -13.97
N THR A 163 -10.13 -8.89 -13.96
CA THR A 163 -8.76 -9.35 -14.26
C THR A 163 -8.28 -10.43 -13.28
N ALA A 164 -8.81 -10.37 -12.07
CA ALA A 164 -8.50 -11.30 -10.99
C ALA A 164 -9.06 -12.70 -11.31
N GLU A 165 -10.30 -12.72 -11.79
CA GLU A 165 -10.90 -13.94 -12.35
C GLU A 165 -10.06 -14.51 -13.51
N ASN A 166 -9.49 -13.66 -14.38
CA ASN A 166 -8.61 -14.17 -15.44
C ASN A 166 -7.39 -14.90 -14.87
N VAL A 167 -6.79 -14.31 -13.84
CA VAL A 167 -5.65 -14.94 -13.17
C VAL A 167 -6.06 -16.20 -12.40
N ALA A 168 -7.22 -16.17 -11.76
CA ALA A 168 -7.75 -17.35 -11.08
C ALA A 168 -7.88 -18.52 -12.03
N LYS A 169 -8.50 -18.25 -13.16
CA LYS A 169 -8.68 -19.20 -14.23
C LYS A 169 -7.35 -19.74 -14.74
N LYS A 170 -6.49 -18.83 -15.16
CA LYS A 170 -5.24 -19.19 -15.83
C LYS A 170 -4.23 -19.86 -14.89
N TRP A 171 -4.19 -19.43 -13.62
CA TRP A 171 -3.29 -20.03 -12.63
C TRP A 171 -4.00 -21.07 -11.77
N GLN A 172 -5.24 -21.40 -12.16
CA GLN A 172 -6.06 -22.42 -11.49
C GLN A 172 -6.08 -22.27 -9.96
N VAL A 173 -6.59 -21.12 -9.53
CA VAL A 173 -6.82 -20.86 -8.13
C VAL A 173 -8.31 -20.95 -7.96
N SER A 174 -8.76 -22.00 -7.30
CA SER A 174 -10.16 -22.29 -7.15
C SER A 174 -10.82 -21.35 -6.16
N ARG A 175 -12.14 -21.37 -6.15
CA ARG A 175 -12.91 -20.66 -5.14
C ARG A 175 -12.48 -21.09 -3.74
N GLU A 176 -12.27 -22.40 -3.58
CA GLU A 176 -11.91 -22.98 -2.30
C GLU A 176 -10.51 -22.49 -1.88
N ASP A 177 -9.56 -22.53 -2.81
CA ASP A 177 -8.23 -21.94 -2.59
C ASP A 177 -8.29 -20.49 -2.09
N GLN A 178 -9.16 -19.69 -2.71
CA GLN A 178 -9.23 -18.24 -2.47
C GLN A 178 -9.80 -17.98 -1.11
N ASP A 179 -10.80 -18.78 -0.75
CA ASP A 179 -11.44 -18.66 0.55
C ASP A 179 -10.47 -19.12 1.64
N LYS A 180 -9.70 -20.17 1.37
CA LYS A 180 -8.65 -20.56 2.30
C LYS A 180 -7.60 -19.46 2.53
N VAL A 181 -7.12 -18.84 1.45
CA VAL A 181 -6.17 -17.75 1.59
C VAL A 181 -6.84 -16.64 2.41
N ALA A 182 -8.10 -16.35 2.12
CA ALA A 182 -8.82 -15.28 2.83
C ALA A 182 -8.94 -15.50 4.34
N VAL A 183 -9.27 -16.72 4.72
CA VAL A 183 -9.37 -17.10 6.11
C VAL A 183 -8.00 -16.97 6.79
N LEU A 184 -6.97 -17.42 6.09
CA LEU A 184 -5.61 -17.36 6.59
C LEU A 184 -5.21 -15.91 6.88
N SER A 185 -5.48 -15.06 5.90
CA SER A 185 -5.15 -13.65 5.99
C SER A 185 -5.88 -13.04 7.18
N GLN A 186 -7.18 -13.33 7.30
CA GLN A 186 -7.99 -12.79 8.40
C GLN A 186 -7.48 -13.28 9.74
N ASN A 187 -7.20 -14.58 9.84
CA ASN A 187 -6.70 -15.14 11.12
C ASN A 187 -5.31 -14.62 11.49
N ARG A 188 -4.39 -14.53 10.53
CA ARG A 188 -3.07 -13.92 10.79
C ARG A 188 -3.18 -12.49 11.27
N THR A 189 -4.09 -11.73 10.67
CA THR A 189 -4.26 -10.31 11.12
C THR A 189 -4.80 -10.23 12.53
N GLU A 190 -5.74 -11.12 12.87
CA GLU A 190 -6.33 -11.11 14.17
C GLU A 190 -5.29 -11.53 15.24
N ASN A 191 -4.51 -12.55 14.94
CA ASN A 191 -3.40 -12.96 15.79
C ASN A 191 -2.38 -11.83 16.02
N ALA A 192 -2.00 -11.16 14.95
CA ALA A 192 -1.04 -10.02 15.05
C ALA A 192 -1.57 -8.87 15.90
N GLN A 193 -2.83 -8.51 15.68
CA GLN A 193 -3.52 -7.47 16.47
C GLN A 193 -3.53 -7.78 17.98
N LYS A 194 -3.90 -9.02 18.30
CA LYS A 194 -4.02 -9.44 19.69
C LYS A 194 -2.65 -9.51 20.33
N ALA A 195 -1.64 -9.86 19.55
CA ALA A 195 -0.29 -9.91 20.03
C ALA A 195 0.39 -8.54 20.05
N GLY A 196 -0.29 -7.48 19.63
CA GLY A 196 0.31 -6.15 19.60
C GLY A 196 1.39 -5.87 18.55
N HIS A 197 1.49 -6.73 17.55
CA HIS A 197 2.47 -6.58 16.48
C HIS A 197 2.40 -5.29 15.63
N PHE A 198 1.22 -4.69 15.53
CA PHE A 198 1.05 -3.41 14.83
C PHE A 198 1.22 -2.16 15.66
N ASP A 199 1.41 -2.33 16.96
CA ASP A 199 1.41 -1.18 17.88
C ASP A 199 2.51 -0.20 17.56
N LYS A 200 3.68 -0.75 17.27
CA LYS A 200 4.82 0.07 17.02
C LYS A 200 4.60 0.89 15.72
N GLU A 201 4.18 0.25 14.64
CA GLU A 201 4.05 0.94 13.35
C GLU A 201 2.90 1.91 13.27
N ILE A 202 1.80 1.63 13.97
CA ILE A 202 0.66 2.53 13.97
C ILE A 202 0.94 3.85 14.72
N VAL A 203 0.48 4.93 14.10
CA VAL A 203 0.38 6.22 14.76
C VAL A 203 -1.10 6.61 14.80
N PRO A 204 -1.61 6.97 15.98
CA PRO A 204 -3.00 7.35 16.11
C PRO A 204 -3.38 8.55 15.25
N VAL A 205 -4.61 8.54 14.76
CA VAL A 205 -5.16 9.68 14.07
C VAL A 205 -6.15 10.36 14.97
N LEU A 206 -6.07 11.68 14.97
CA LEU A 206 -6.99 12.53 15.71
C LEU A 206 -8.25 12.82 14.88
N VAL A 207 -9.41 12.58 15.48
CA VAL A 207 -10.70 12.79 14.83
C VAL A 207 -11.68 13.49 15.77
N SER A 208 -12.27 14.59 15.31
CA SER A 208 -13.35 15.26 16.05
C SER A 208 -14.65 14.52 15.84
N THR A 209 -15.34 14.28 16.94
CA THR A 209 -16.59 13.56 17.00
C THR A 209 -17.58 14.51 17.70
N ARG A 210 -18.86 14.13 17.82
CA ARG A 210 -19.83 14.92 18.59
C ARG A 210 -19.48 14.93 20.09
N LYS A 211 -18.93 13.81 20.56
CA LYS A 211 -18.38 13.75 21.91
C LYS A 211 -16.89 14.12 21.92
N GLY A 212 -16.52 15.12 21.12
CA GLY A 212 -15.16 15.68 21.10
C GLY A 212 -14.09 14.89 20.36
N LEU A 213 -12.83 15.17 20.69
CA LEU A 213 -11.67 14.59 20.02
C LEU A 213 -11.46 13.15 20.42
N ILE A 214 -11.08 12.32 19.46
CA ILE A 214 -10.70 10.94 19.76
C ILE A 214 -9.48 10.49 18.96
N GLU A 215 -8.74 9.53 19.53
CA GLU A 215 -7.66 8.85 18.83
C GLU A 215 -8.17 7.55 18.18
N VAL A 216 -7.95 7.40 16.88
CA VAL A 216 -8.23 6.15 16.19
C VAL A 216 -6.89 5.40 15.99
N LYS A 217 -6.80 4.20 16.54
CA LYS A 217 -5.56 3.42 16.56
C LYS A 217 -5.73 1.92 16.45
N THR A 218 -6.89 1.49 16.03
CA THR A 218 -7.07 0.07 15.69
C THR A 218 -7.52 0.01 14.24
N ASP A 219 -6.92 -0.90 13.49
CA ASP A 219 -7.34 -1.13 12.13
C ASP A 219 -8.77 -1.61 12.14
N GLU A 220 -9.57 -1.09 11.22
CA GLU A 220 -11.03 -1.20 11.26
C GLU A 220 -11.60 -2.32 10.42
N PHE A 221 -10.88 -2.70 9.37
CA PHE A 221 -11.42 -3.56 8.35
C PHE A 221 -11.41 -5.09 8.67
N PRO A 222 -10.49 -5.55 9.51
CA PRO A 222 -10.50 -6.96 9.86
C PRO A 222 -11.85 -7.55 10.36
N ARG A 223 -12.14 -8.76 9.91
CA ARG A 223 -13.36 -9.46 10.30
C ARG A 223 -12.93 -10.63 11.14
N HIS A 224 -12.86 -10.41 12.44
CA HIS A 224 -12.46 -11.44 13.38
C HIS A 224 -13.45 -12.60 13.36
N GLY A 225 -12.92 -13.81 13.55
CA GLY A 225 -13.76 -15.02 13.57
C GLY A 225 -14.11 -15.45 12.17
N SER A 226 -13.35 -14.96 11.19
CA SER A 226 -13.55 -15.37 9.82
C SER A 226 -13.38 -16.89 9.75
N ASN A 227 -14.23 -17.52 8.94
CA ASN A 227 -14.25 -18.98 8.80
C ASN A 227 -14.69 -19.39 7.40
N ILE A 228 -14.21 -20.54 6.96
CA ILE A 228 -14.42 -20.97 5.60
C ILE A 228 -15.89 -21.29 5.32
N GLU A 229 -16.58 -21.81 6.33
CA GLU A 229 -17.99 -22.17 6.19
C GLU A 229 -18.80 -20.94 5.78
N ALA A 230 -18.66 -19.85 6.51
CA ALA A 230 -19.30 -18.56 6.16
C ALA A 230 -18.92 -18.05 4.74
N MET A 231 -17.63 -18.03 4.47
CA MET A 231 -17.12 -17.53 3.22
C MET A 231 -17.64 -18.31 2.01
N SER A 232 -17.78 -19.63 2.15
CA SER A 232 -18.17 -20.46 1.00
C SER A 232 -19.68 -20.29 0.64
N LYS A 233 -20.45 -19.68 1.53
CA LYS A 233 -21.84 -19.34 1.27
C LYS A 233 -22.01 -18.11 0.36
N LEU A 234 -20.98 -17.27 0.20
CA LEU A 234 -21.15 -15.99 -0.52
C LEU A 234 -21.20 -16.21 -2.01
N LYS A 235 -21.81 -15.29 -2.73
CA LYS A 235 -21.90 -15.41 -4.18
C LYS A 235 -20.77 -14.60 -4.83
N PRO A 236 -20.25 -15.07 -5.95
CA PRO A 236 -19.25 -14.30 -6.69
C PRO A 236 -19.79 -12.93 -7.08
N TYR A 237 -18.96 -11.89 -6.92
CA TYR A 237 -19.42 -10.50 -7.05
C TYR A 237 -19.29 -9.91 -8.45
N PHE A 238 -18.25 -10.28 -9.19
CA PHE A 238 -17.93 -9.61 -10.46
C PHE A 238 -18.46 -10.42 -11.62
N LEU A 239 -18.52 -11.73 -11.42
CA LEU A 239 -18.73 -12.65 -12.52
C LEU A 239 -19.83 -13.63 -12.13
N THR A 240 -21.06 -13.29 -12.50
CA THR A 240 -22.24 -14.00 -11.99
C THR A 240 -22.91 -14.96 -12.99
N ASP A 241 -22.12 -15.48 -13.94
CA ASP A 241 -22.61 -16.45 -14.92
C ASP A 241 -22.30 -17.89 -14.50
N GLY A 242 -22.15 -18.13 -13.20
CA GLY A 242 -21.74 -19.45 -12.69
C GLY A 242 -20.25 -19.83 -12.82
N THR A 243 -19.41 -18.97 -13.41
CA THR A 243 -17.96 -19.22 -13.41
C THR A 243 -17.17 -18.34 -12.39
N GLY A 244 -17.89 -17.54 -11.59
CA GLY A 244 -17.25 -16.69 -10.59
C GLY A 244 -16.57 -17.39 -9.41
N THR A 245 -15.48 -16.78 -8.93
CA THR A 245 -14.77 -17.20 -7.70
C THR A 245 -14.53 -16.04 -6.70
N VAL A 246 -14.32 -14.83 -7.21
CA VAL A 246 -14.05 -13.70 -6.38
C VAL A 246 -15.34 -13.19 -5.76
N THR A 247 -15.32 -13.09 -4.43
CA THR A 247 -16.36 -12.49 -3.60
C THR A 247 -15.76 -11.41 -2.69
N PRO A 248 -16.60 -10.66 -1.98
CA PRO A 248 -16.12 -9.68 -1.00
C PRO A 248 -15.23 -10.24 0.11
N ALA A 249 -15.42 -11.50 0.45
CA ALA A 249 -14.64 -12.15 1.48
C ALA A 249 -13.23 -12.54 1.02
N ASN A 250 -13.02 -12.75 -0.27
CA ASN A 250 -11.69 -13.12 -0.74
C ASN A 250 -11.05 -12.05 -1.64
N ALA A 251 -11.53 -10.81 -1.46
CA ALA A 251 -10.96 -9.60 -2.03
C ALA A 251 -10.81 -8.60 -0.90
N SER A 252 -9.92 -7.63 -1.11
CA SER A 252 -9.79 -6.51 -0.20
C SER A 252 -10.93 -5.51 -0.42
N GLY A 253 -10.84 -4.35 0.22
CA GLY A 253 -11.93 -3.40 0.16
C GLY A 253 -11.54 -2.06 -0.38
N ILE A 254 -12.45 -1.13 -0.18
CA ILE A 254 -12.22 0.27 -0.36
C ILE A 254 -11.92 0.92 1.00
N ASN A 255 -10.79 1.60 1.12
CA ASN A 255 -10.21 1.91 2.42
C ASN A 255 -9.45 3.22 2.47
N ASP A 256 -9.26 3.76 3.68
CA ASP A 256 -8.56 5.01 3.88
C ASP A 256 -7.37 4.83 4.79
N GLY A 257 -6.30 5.56 4.50
CA GLY A 257 -5.07 5.46 5.28
C GLY A 257 -3.89 6.14 4.64
N ALA A 258 -2.82 6.25 5.42
CA ALA A 258 -1.59 6.76 4.90
C ALA A 258 -0.41 6.06 5.60
N ALA A 259 0.76 6.17 4.99
CA ALA A 259 1.99 5.61 5.53
C ALA A 259 3.15 6.40 5.01
N ALA A 260 4.27 6.37 5.74
CA ALA A 260 5.45 7.15 5.41
C ALA A 260 6.70 6.47 5.93
N VAL A 261 7.83 6.83 5.31
CA VAL A 261 9.16 6.38 5.73
C VAL A 261 10.13 7.57 5.63
N VAL A 262 11.21 7.56 6.44
CA VAL A 262 12.26 8.57 6.33
C VAL A 262 13.49 7.91 5.77
N LEU A 263 14.03 8.51 4.70
CA LEU A 263 15.18 7.98 3.97
C LEU A 263 16.34 8.97 3.91
N MET A 264 17.55 8.41 3.99
CA MET A 264 18.77 9.14 3.78
C MET A 264 19.86 8.12 3.51
N LYS A 265 21.04 8.59 3.16
CA LYS A 265 22.20 7.72 3.00
C LYS A 265 22.67 7.14 4.33
N LYS A 266 23.23 5.94 4.26
CA LYS A 266 23.84 5.30 5.42
C LYS A 266 24.81 6.24 6.09
N SER A 267 25.69 6.88 5.32
CA SER A 267 26.60 7.89 5.87
C SER A 267 25.96 9.04 6.61
N GLU A 268 24.81 9.51 6.14
CA GLU A 268 24.10 10.60 6.82
C GLU A 268 23.47 10.09 8.10
N ALA A 269 22.90 8.88 8.05
CA ALA A 269 22.46 8.17 9.26
C ALA A 269 23.59 8.00 10.32
N ASP A 270 24.74 7.48 9.90
CA ASP A 270 25.92 7.38 10.78
C ASP A 270 26.31 8.72 11.38
N LYS A 271 26.43 9.74 10.55
CA LYS A 271 26.74 11.07 11.04
C LYS A 271 25.75 11.52 12.13
N ARG A 272 24.46 11.22 11.92
CA ARG A 272 23.40 11.69 12.86
C ARG A 272 23.21 10.83 14.09
N GLY A 273 23.96 9.73 14.19
CA GLY A 273 23.78 8.77 15.27
C GLY A 273 22.46 8.00 15.23
N LEU A 274 21.94 7.76 14.03
CA LEU A 274 20.73 6.99 13.82
C LEU A 274 21.06 5.58 13.36
N THR A 275 20.38 4.59 13.93
CA THR A 275 20.39 3.21 13.39
C THR A 275 19.11 2.99 12.63
N PRO A 276 19.22 2.62 11.37
CA PRO A 276 18.04 2.49 10.53
C PRO A 276 17.35 1.14 10.68
N LEU A 277 16.10 1.09 10.25
CA LEU A 277 15.35 -0.15 10.18
C LEU A 277 15.99 -1.12 9.20
N ALA A 278 16.45 -0.60 8.07
CA ALA A 278 16.96 -1.40 6.98
C ALA A 278 17.64 -0.56 5.94
N ARG A 279 18.44 -1.23 5.14
CA ARG A 279 18.94 -0.64 3.96
C ARG A 279 18.14 -1.12 2.76
N ILE A 280 18.03 -0.25 1.76
CA ILE A 280 17.37 -0.63 0.51
C ILE A 280 18.45 -1.18 -0.40
N VAL A 281 18.23 -2.39 -0.90
CA VAL A 281 19.20 -3.13 -1.68
C VAL A 281 18.90 -3.06 -3.18
N SER A 282 17.62 -3.05 -3.54
CA SER A 282 17.22 -3.02 -4.93
C SER A 282 15.72 -2.81 -5.08
N TRP A 283 15.31 -2.49 -6.30
CA TRP A 283 13.89 -2.32 -6.60
C TRP A 283 13.72 -2.45 -8.09
N SER A 284 12.50 -2.77 -8.53
CA SER A 284 12.20 -2.91 -9.97
C SER A 284 10.78 -2.47 -10.25
N GLN A 285 10.57 -2.01 -11.46
CA GLN A 285 9.26 -1.77 -12.01
C GLN A 285 9.23 -2.42 -13.37
N VAL A 286 8.12 -3.10 -13.61
CA VAL A 286 7.92 -3.86 -14.83
C VAL A 286 6.48 -3.70 -15.36
N GLY A 287 6.31 -4.05 -16.63
CA GLY A 287 5.02 -4.02 -17.33
C GLY A 287 4.64 -5.43 -17.79
N VAL A 288 3.33 -5.70 -17.75
CA VAL A 288 2.72 -6.94 -18.17
C VAL A 288 1.36 -6.60 -18.82
N GLU A 289 0.68 -7.63 -19.32
CA GLU A 289 -0.63 -7.44 -19.95
C GLU A 289 -1.71 -7.02 -18.95
N PRO A 290 -2.50 -5.98 -19.29
CA PRO A 290 -3.55 -5.47 -18.38
C PRO A 290 -4.54 -6.53 -17.92
N SER A 291 -4.83 -7.49 -18.80
CA SER A 291 -5.85 -8.52 -18.53
C SER A 291 -5.46 -9.40 -17.36
N ILE A 292 -4.15 -9.45 -17.08
CA ILE A 292 -3.64 -10.22 -15.95
C ILE A 292 -2.67 -9.38 -15.10
N MET A 293 -3.08 -8.15 -14.78
CA MET A 293 -2.23 -7.18 -14.05
C MET A 293 -1.76 -7.74 -12.69
N GLY A 294 -2.63 -8.56 -12.10
CA GLY A 294 -2.32 -9.27 -10.87
C GLY A 294 -0.97 -9.99 -10.81
N ILE A 295 -0.49 -10.56 -11.91
CA ILE A 295 0.81 -11.25 -11.90
C ILE A 295 2.04 -10.37 -12.14
N GLY A 296 1.85 -9.04 -12.16
CA GLY A 296 2.95 -8.06 -12.18
C GLY A 296 4.11 -8.34 -11.22
N PRO A 297 3.84 -8.64 -9.95
CA PRO A 297 4.88 -8.93 -8.97
C PRO A 297 5.78 -10.12 -9.28
N ILE A 298 5.34 -11.03 -10.15
CA ILE A 298 6.23 -12.14 -10.51
C ILE A 298 7.51 -11.67 -11.22
N PRO A 299 7.42 -11.04 -12.39
CA PRO A 299 8.62 -10.48 -12.97
C PRO A 299 9.28 -9.41 -12.08
N ALA A 300 8.48 -8.62 -11.36
CA ALA A 300 9.04 -7.58 -10.50
C ALA A 300 9.96 -8.15 -9.40
N ILE A 301 9.48 -9.20 -8.77
CA ILE A 301 10.21 -9.80 -7.66
C ILE A 301 11.46 -10.48 -8.16
N LYS A 302 11.30 -11.26 -9.22
CA LYS A 302 12.43 -11.95 -9.82
C LYS A 302 13.53 -10.95 -10.20
N GLN A 303 13.19 -9.85 -10.84
CA GLN A 303 14.21 -8.84 -11.17
C GLN A 303 14.85 -8.14 -9.97
N ALA A 304 14.07 -7.81 -8.94
CA ALA A 304 14.60 -7.10 -7.78
C ALA A 304 15.57 -8.01 -7.03
N VAL A 305 15.11 -9.24 -6.77
CA VAL A 305 15.87 -10.26 -6.09
C VAL A 305 17.17 -10.57 -6.86
N THR A 306 17.07 -10.69 -8.17
CA THR A 306 18.24 -10.87 -9.02
C THR A 306 19.17 -9.70 -8.91
N LYS A 307 18.64 -8.48 -8.99
CA LYS A 307 19.48 -7.30 -8.90
C LYS A 307 20.16 -7.25 -7.54
N ALA A 308 19.55 -7.82 -6.51
CA ALA A 308 20.15 -7.78 -5.18
C ALA A 308 21.29 -8.79 -5.02
N GLY A 309 21.42 -9.73 -5.95
CA GLY A 309 22.37 -10.81 -5.81
C GLY A 309 21.83 -11.91 -4.92
N TRP A 310 20.50 -12.00 -4.82
CA TRP A 310 19.86 -12.96 -3.94
C TRP A 310 19.25 -14.07 -4.76
N SER A 311 19.09 -15.23 -4.14
CA SER A 311 18.08 -16.17 -4.61
C SER A 311 16.80 -15.95 -3.85
N LEU A 312 15.68 -16.40 -4.39
CA LEU A 312 14.39 -16.33 -3.70
C LEU A 312 14.41 -16.97 -2.32
N GLU A 313 15.18 -18.04 -2.14
CA GLU A 313 15.30 -18.68 -0.81
C GLU A 313 15.90 -17.76 0.23
N ASP A 314 16.72 -16.82 -0.23
CA ASP A 314 17.35 -15.87 0.65
C ASP A 314 16.33 -14.92 1.31
N VAL A 315 15.17 -14.72 0.69
CA VAL A 315 14.16 -13.79 1.25
C VAL A 315 13.51 -14.44 2.48
N ASP A 316 13.63 -13.77 3.61
CA ASP A 316 13.02 -14.21 4.84
C ASP A 316 11.50 -13.93 4.90
N ILE A 317 11.13 -12.72 4.47
CA ILE A 317 9.77 -12.24 4.56
C ILE A 317 9.37 -11.49 3.32
N PHE A 318 8.22 -11.84 2.77
CA PHE A 318 7.57 -11.14 1.68
C PHE A 318 6.32 -10.44 2.19
N GLU A 319 6.10 -9.23 1.68
CA GLU A 319 4.78 -8.58 1.72
C GLU A 319 4.34 -8.45 0.27
N ILE A 320 3.28 -9.16 -0.12
CA ILE A 320 2.80 -9.18 -1.49
C ILE A 320 1.35 -8.73 -1.41
N ASN A 321 1.08 -7.56 -1.96
CA ASN A 321 -0.19 -6.97 -1.74
C ASN A 321 -1.32 -7.91 -2.11
N GLU A 322 -2.24 -8.06 -1.19
CA GLU A 322 -3.32 -9.00 -1.29
C GLU A 322 -4.61 -8.27 -1.77
N ALA A 323 -4.55 -7.69 -2.95
CA ALA A 323 -5.75 -7.10 -3.58
C ALA A 323 -6.89 -8.16 -3.72
N PHE A 324 -6.48 -9.36 -4.17
CA PHE A 324 -7.36 -10.50 -4.32
C PHE A 324 -6.56 -11.73 -3.92
N ALA A 325 -7.21 -12.62 -3.17
CA ALA A 325 -6.64 -13.93 -2.91
C ALA A 325 -6.19 -14.65 -4.18
N ALA A 326 -6.98 -14.50 -5.25
CA ALA A 326 -6.68 -15.15 -6.54
C ALA A 326 -5.31 -14.78 -7.10
N VAL A 327 -4.95 -13.52 -6.92
CA VAL A 327 -3.71 -12.98 -7.40
C VAL A 327 -2.55 -13.32 -6.46
N SER A 328 -2.74 -13.13 -5.16
CA SER A 328 -1.63 -13.39 -4.23
C SER A 328 -1.30 -14.89 -4.26
N ALA A 329 -2.33 -15.73 -4.27
CA ALA A 329 -2.14 -17.18 -4.41
C ALA A 329 -1.37 -17.56 -5.68
N ALA A 330 -1.71 -16.90 -6.78
CA ALA A 330 -1.11 -17.20 -8.05
C ALA A 330 0.37 -16.84 -8.04
N ILE A 331 0.69 -15.75 -7.35
CA ILE A 331 2.06 -15.27 -7.31
C ILE A 331 2.93 -16.24 -6.51
N VAL A 332 2.41 -16.62 -5.35
CA VAL A 332 3.05 -17.57 -4.46
C VAL A 332 3.24 -18.98 -5.11
N LYS A 333 2.24 -19.41 -5.87
CA LYS A 333 2.25 -20.70 -6.55
C LYS A 333 3.32 -20.74 -7.64
N GLU A 334 3.33 -19.71 -8.47
CA GLU A 334 4.25 -19.62 -9.58
C GLU A 334 5.70 -19.46 -9.14
N LEU A 335 5.94 -18.59 -8.17
CA LEU A 335 7.28 -18.42 -7.62
C LEU A 335 7.68 -19.54 -6.67
N GLY A 336 6.72 -20.35 -6.22
CA GLY A 336 7.05 -21.43 -5.28
C GLY A 336 7.52 -20.94 -3.92
N LEU A 337 6.86 -19.89 -3.42
CA LEU A 337 7.17 -19.33 -2.12
C LEU A 337 6.54 -20.14 -0.95
N ASN A 338 7.25 -20.21 0.17
CA ASN A 338 6.71 -20.68 1.41
C ASN A 338 5.66 -19.70 1.95
N PRO A 339 4.40 -20.15 2.08
CA PRO A 339 3.35 -19.30 2.60
C PRO A 339 3.59 -18.84 4.04
N GLU A 340 4.45 -19.54 4.79
CA GLU A 340 4.85 -19.05 6.10
C GLU A 340 5.84 -17.89 6.07
N LYS A 341 6.29 -17.49 4.87
CA LYS A 341 7.15 -16.32 4.69
C LYS A 341 6.41 -15.13 4.07
N VAL A 342 5.12 -15.34 3.72
CA VAL A 342 4.38 -14.38 2.91
C VAL A 342 3.23 -13.81 3.72
N ASN A 343 3.20 -12.48 3.85
CA ASN A 343 2.11 -11.79 4.54
C ASN A 343 1.80 -12.43 5.89
N ILE A 344 2.79 -12.48 6.76
CA ILE A 344 2.64 -13.23 8.01
C ILE A 344 1.83 -12.52 9.09
N GLU A 345 1.71 -11.19 9.02
CA GLU A 345 0.76 -10.44 9.85
C GLU A 345 -0.60 -10.33 9.20
N GLY A 346 -0.79 -11.04 8.08
CA GLY A 346 -1.96 -10.89 7.26
C GLY A 346 -1.77 -9.84 6.17
N GLY A 347 -2.71 -9.84 5.22
CA GLY A 347 -2.66 -8.91 4.11
C GLY A 347 -3.93 -8.11 3.95
N ALA A 348 -4.02 -7.45 2.80
CA ALA A 348 -5.06 -6.48 2.53
C ALA A 348 -6.49 -7.04 2.56
N ILE A 349 -6.67 -8.35 2.37
CA ILE A 349 -8.02 -8.97 2.51
C ILE A 349 -8.59 -8.66 3.89
N ALA A 350 -7.76 -8.84 4.90
CA ALA A 350 -8.09 -8.42 6.25
C ALA A 350 -7.86 -6.93 6.54
N LEU A 351 -6.77 -6.35 6.04
CA LEU A 351 -6.36 -5.01 6.49
C LEU A 351 -6.94 -3.87 5.68
N GLY A 352 -7.30 -4.15 4.42
CA GLY A 352 -7.80 -3.11 3.52
C GLY A 352 -6.74 -2.58 2.56
N HIS A 353 -7.18 -1.78 1.55
CA HIS A 353 -6.35 -1.35 0.42
C HIS A 353 -6.64 0.10 -0.01
N PRO A 354 -6.09 1.06 0.72
CA PRO A 354 -6.25 2.47 0.34
C PRO A 354 -5.25 2.73 -0.79
N LEU A 355 -5.73 2.77 -2.02
CA LEU A 355 -4.87 2.64 -3.23
C LEU A 355 -3.50 3.30 -3.12
N GLY A 356 -3.51 4.61 -2.93
CA GLY A 356 -2.28 5.38 -2.94
C GLY A 356 -1.34 5.06 -1.80
N ALA A 357 -1.88 4.53 -0.71
CA ALA A 357 -1.09 4.30 0.49
C ALA A 357 -0.46 2.93 0.52
N SER A 358 -1.15 1.92 -0.05
CA SER A 358 -0.80 0.54 0.14
C SER A 358 0.67 0.19 -0.13
N GLY A 359 1.29 0.80 -1.14
CA GLY A 359 2.70 0.46 -1.51
C GLY A 359 3.67 0.72 -0.36
N CYS A 360 3.46 1.82 0.31
CA CYS A 360 4.27 2.18 1.45
C CYS A 360 3.78 1.48 2.71
N ARG A 361 2.46 1.34 2.86
CA ARG A 361 1.92 0.62 4.00
C ARG A 361 2.55 -0.80 4.15
N ILE A 362 2.68 -1.55 3.07
CA ILE A 362 3.17 -2.90 3.22
C ILE A 362 4.67 -2.90 3.53
N LEU A 363 5.35 -1.83 3.11
CA LEU A 363 6.75 -1.64 3.38
C LEU A 363 6.95 -1.35 4.85
N VAL A 364 6.09 -0.49 5.41
CA VAL A 364 6.12 -0.16 6.83
C VAL A 364 5.97 -1.45 7.65
N THR A 365 5.04 -2.30 7.24
CA THR A 365 4.76 -3.52 7.96
C THR A 365 5.93 -4.48 7.82
N LEU A 366 6.40 -4.66 6.59
CA LEU A 366 7.57 -5.47 6.32
C LEU A 366 8.71 -5.15 7.27
N LEU A 367 9.02 -3.87 7.39
CA LEU A 367 10.20 -3.44 8.10
C LEU A 367 10.06 -3.70 9.57
N HIS A 368 8.88 -3.44 10.10
CA HIS A 368 8.63 -3.73 11.50
C HIS A 368 8.56 -5.24 11.78
N THR A 369 8.08 -6.02 10.82
CA THR A 369 8.07 -7.48 11.00
C THR A 369 9.49 -8.04 11.06
N LEU A 370 10.32 -7.58 10.12
CA LEU A 370 11.73 -8.02 10.06
C LEU A 370 12.44 -7.69 11.35
N GLU A 371 12.19 -6.48 11.82
CA GLU A 371 12.74 -6.01 13.09
C GLU A 371 12.28 -6.90 14.23
N ARG A 372 10.98 -7.15 14.29
CA ARG A 372 10.40 -7.85 15.43
C ARG A 372 10.84 -9.30 15.48
N MET A 373 10.99 -9.92 14.33
CA MET A 373 11.39 -11.31 14.27
C MET A 373 12.89 -11.49 14.20
N GLY A 374 13.66 -10.41 14.15
CA GLY A 374 15.09 -10.50 13.91
C GLY A 374 15.43 -11.28 12.63
N ARG A 375 14.65 -11.07 11.57
CA ARG A 375 14.98 -11.64 10.28
C ARG A 375 15.68 -10.58 9.44
N SER A 376 16.24 -10.99 8.32
CA SER A 376 17.23 -10.15 7.68
C SER A 376 16.79 -9.53 6.33
N ARG A 377 16.21 -10.37 5.47
CA ARG A 377 15.96 -9.97 4.10
C ARG A 377 14.50 -10.01 3.79
N GLY A 378 13.99 -8.89 3.26
CA GLY A 378 12.59 -8.73 2.90
C GLY A 378 12.30 -8.23 1.50
N VAL A 379 11.10 -8.53 1.02
CA VAL A 379 10.63 -8.07 -0.28
C VAL A 379 9.25 -7.50 -0.11
N ALA A 380 9.03 -6.25 -0.53
CA ALA A 380 7.69 -5.72 -0.67
C ALA A 380 7.36 -5.68 -2.17
N ALA A 381 6.15 -6.10 -2.52
CA ALA A 381 5.70 -6.09 -3.91
C ALA A 381 4.22 -5.92 -4.12
N LEU A 382 3.85 -5.29 -5.21
CA LEU A 382 2.43 -5.08 -5.59
C LEU A 382 2.18 -5.19 -7.09
N CYS A 383 1.01 -5.70 -7.46
CA CYS A 383 0.51 -5.67 -8.83
C CYS A 383 -0.12 -4.31 -8.99
N ILE A 384 -0.25 -3.87 -10.24
CA ILE A 384 -0.76 -2.53 -10.52
C ILE A 384 -1.75 -2.59 -11.68
N GLY A 385 -2.93 -1.97 -11.50
CA GLY A 385 -3.92 -1.88 -12.59
C GLY A 385 -3.28 -1.37 -13.84
N GLY A 386 -3.75 -1.81 -14.99
CA GLY A 386 -3.14 -1.44 -16.26
C GLY A 386 -1.98 -2.33 -16.68
N GLY A 387 -1.57 -3.24 -15.79
CA GLY A 387 -0.54 -4.23 -16.12
C GLY A 387 0.86 -3.80 -15.67
N MET A 388 1.05 -3.52 -14.40
CA MET A 388 2.42 -3.34 -13.93
C MET A 388 2.68 -4.07 -12.62
N GLY A 389 3.96 -4.17 -12.30
CA GLY A 389 4.42 -4.67 -11.02
C GLY A 389 5.56 -3.83 -10.48
N ILE A 390 5.64 -3.77 -9.16
CA ILE A 390 6.72 -3.07 -8.47
C ILE A 390 7.16 -3.85 -7.25
N ALA A 391 8.46 -3.90 -7.05
CA ALA A 391 9.05 -4.66 -5.94
C ALA A 391 10.29 -4.00 -5.35
N MET A 392 10.50 -4.10 -4.05
CA MET A 392 11.71 -3.59 -3.43
C MET A 392 12.35 -4.65 -2.54
N CYS A 393 13.68 -4.67 -2.48
CA CYS A 393 14.44 -5.56 -1.60
C CYS A 393 15.00 -4.74 -0.50
N VAL A 394 14.82 -5.17 0.74
CA VAL A 394 15.40 -4.49 1.90
C VAL A 394 16.15 -5.50 2.81
N GLN A 395 17.18 -5.01 3.47
CA GLN A 395 18.00 -5.83 4.34
C GLN A 395 18.20 -5.18 5.70
N ARG A 396 17.88 -5.93 6.74
CA ARG A 396 17.89 -5.41 8.06
C ARG A 396 19.32 -5.34 8.56
N GLU A 397 19.67 -4.07 8.84
CA GLU A 397 20.77 -3.58 9.67
C GLU A 397 20.41 -3.73 11.19
#